data_7CAY
#
_entry.id   7CAY
#
_cell.length_a   124.925
_cell.length_b   124.925
_cell.length_c   55.586
_cell.angle_alpha   90.000
_cell.angle_beta   90.000
_cell.angle_gamma   90.000
#
_symmetry.space_group_name_H-M   'I 4 2 2'
#
_entity_poly.entity_id   1
_entity_poly.type   'polypeptide(L)'
_entity_poly.pdbx_seq_one_letter_code
;MPAEITSLPLFPLHSVLLPGATIGLRVFERRYLDLVRDCGRTGSSFGVCLILDGSDVGAPAVPAAYGTEVRIEDFDVGND
GVLVLRLRGTRRFRVQRSRVRDNGLVVGEVSWCEPDSDDELRPEHGLLATVLERMLEQVGGEFASAGPGLLDQAAWVGWR
LAELLPLSEGQRLSLLQEDDPHRRLEQLLAWMP
;
_entity_poly.pdbx_strand_id   A
#
# COMPACT_ATOMS: atom_id res chain seq x y z
N ILE A 5 3.92 7.90 17.77
CA ILE A 5 4.47 6.86 16.90
C ILE A 5 3.97 5.49 17.36
N THR A 6 3.78 4.59 16.40
CA THR A 6 3.23 3.27 16.64
C THR A 6 4.14 2.20 16.03
N SER A 7 4.39 1.14 16.80
CA SER A 7 5.12 -0.01 16.29
C SER A 7 4.17 -0.87 15.46
N LEU A 8 4.53 -1.13 14.20
CA LEU A 8 3.68 -1.86 13.29
C LEU A 8 4.48 -2.98 12.62
N PRO A 9 3.98 -4.21 12.60
CA PRO A 9 4.66 -5.28 11.89
C PRO A 9 4.61 -5.06 10.39
N LEU A 10 5.74 -5.28 9.72
CA LEU A 10 5.90 -4.99 8.30
C LEU A 10 6.06 -6.28 7.52
N PHE A 11 5.27 -6.43 6.46
CA PHE A 11 5.36 -7.58 5.55
C PHE A 11 6.08 -7.18 4.28
N PRO A 12 7.11 -7.92 3.89
CA PRO A 12 7.92 -7.51 2.73
C PRO A 12 7.36 -8.00 1.41
N LEU A 13 7.08 -7.08 0.49
CA LEU A 13 6.57 -7.42 -0.84
C LEU A 13 7.45 -6.78 -1.91
N HIS A 14 7.55 -7.47 -3.05
CA HIS A 14 8.32 -6.97 -4.19
C HIS A 14 7.53 -5.97 -5.03
N SER A 15 6.48 -5.39 -4.47
CA SER A 15 5.66 -4.40 -5.14
C SER A 15 4.94 -3.59 -4.09
N VAL A 16 4.85 -2.27 -4.31
CA VAL A 16 4.18 -1.42 -3.34
C VAL A 16 2.67 -1.68 -3.40
N LEU A 17 2.01 -1.49 -2.27
CA LEU A 17 0.56 -1.58 -2.19
C LEU A 17 0.00 -0.17 -2.13
N LEU A 18 -0.76 0.21 -3.16
CA LEU A 18 -1.34 1.53 -3.16
C LEU A 18 -2.59 1.56 -2.29
N PRO A 19 -2.92 2.71 -1.71
CA PRO A 19 -4.14 2.80 -0.89
C PRO A 19 -5.37 2.49 -1.71
N GLY A 20 -6.29 1.73 -1.10
CA GLY A 20 -7.52 1.35 -1.76
C GLY A 20 -7.38 0.15 -2.68
N ALA A 21 -6.16 -0.07 -3.18
CA ALA A 21 -5.91 -1.20 -4.06
C ALA A 21 -5.92 -2.50 -3.25
N THR A 22 -6.10 -3.61 -3.97
CA THR A 22 -6.22 -4.93 -3.36
C THR A 22 -5.18 -5.88 -3.90
N ILE A 23 -4.70 -6.77 -3.03
CA ILE A 23 -3.77 -7.82 -3.41
C ILE A 23 -4.13 -9.08 -2.62
N GLY A 24 -3.78 -10.23 -3.21
CA GLY A 24 -3.95 -11.51 -2.56
C GLY A 24 -2.59 -12.06 -2.16
N LEU A 25 -2.42 -12.28 -0.86
CA LEU A 25 -1.15 -12.68 -0.28
C LEU A 25 -1.24 -14.13 0.22
N ARG A 26 -0.42 -15.01 -0.34
CA ARG A 26 -0.34 -16.39 0.13
C ARG A 26 0.61 -16.44 1.31
N VAL A 27 0.08 -16.73 2.50
CA VAL A 27 0.85 -16.79 3.73
C VAL A 27 1.00 -18.25 4.13
N PHE A 28 2.23 -18.75 4.15
CA PHE A 28 2.48 -20.14 4.53
C PHE A 28 3.70 -20.35 5.42
N GLU A 29 4.54 -19.34 5.63
CA GLU A 29 5.70 -19.51 6.49
C GLU A 29 5.30 -19.47 7.96
N ARG A 30 6.09 -20.17 8.79
CA ARG A 30 5.72 -20.34 10.20
C ARG A 30 5.67 -19.01 10.94
N ARG A 31 6.53 -18.06 10.58
CA ARG A 31 6.54 -16.78 11.26
C ARG A 31 5.42 -15.88 10.77
N TYR A 32 5.12 -15.89 9.47
CA TYR A 32 4.05 -15.03 8.95
C TYR A 32 2.68 -15.57 9.32
N LEU A 33 2.53 -16.88 9.43
CA LEU A 33 1.23 -17.44 9.81
C LEU A 33 0.91 -17.16 11.28
N ASP A 34 1.90 -17.27 12.16
CA ASP A 34 1.66 -17.00 13.58
C ASP A 34 1.37 -15.54 13.84
N LEU A 35 1.94 -14.63 13.03
CA LEU A 35 1.67 -13.21 13.21
C LEU A 35 0.24 -12.86 12.82
N VAL A 36 -0.25 -13.42 11.71
CA VAL A 36 -1.62 -13.14 11.29
C VAL A 36 -2.62 -13.68 12.30
N ARG A 37 -2.35 -14.85 12.86
CA ARG A 37 -3.22 -15.39 13.91
C ARG A 37 -3.18 -14.51 15.16
N ASP A 38 -2.01 -13.97 15.50
CA ASP A 38 -1.91 -13.07 16.64
C ASP A 38 -2.59 -11.74 16.35
N CYS A 39 -2.35 -11.17 15.16
CA CYS A 39 -3.02 -9.92 14.79
C CYS A 39 -4.52 -10.12 14.66
N GLY A 40 -4.95 -11.27 14.15
CA GLY A 40 -6.37 -11.58 14.11
C GLY A 40 -6.99 -11.73 15.48
N ARG A 41 -6.19 -11.98 16.50
CA ARG A 41 -6.67 -12.08 17.88
C ARG A 41 -6.63 -10.73 18.58
N THR A 42 -5.52 -10.01 18.46
CA THR A 42 -5.41 -8.70 19.11
C THR A 42 -6.26 -7.65 18.39
N GLY A 43 -6.41 -7.77 17.08
CA GLY A 43 -7.08 -6.76 16.29
C GLY A 43 -6.16 -5.74 15.65
N SER A 44 -4.91 -5.67 16.11
CA SER A 44 -3.95 -4.76 15.52
C SER A 44 -3.61 -5.21 14.10
N SER A 45 -3.45 -4.24 13.20
CA SER A 45 -3.17 -4.53 11.81
C SER A 45 -1.66 -4.66 11.59
N PHE A 46 -1.28 -4.88 10.34
CA PHE A 46 0.11 -4.81 9.91
C PHE A 46 0.18 -4.02 8.61
N GLY A 47 1.40 -3.85 8.09
CA GLY A 47 1.61 -3.06 6.91
C GLY A 47 2.42 -3.80 5.87
N VAL A 48 2.35 -3.28 4.64
CA VAL A 48 3.07 -3.83 3.50
C VAL A 48 4.08 -2.79 3.03
N CYS A 49 5.35 -3.18 2.99
CA CYS A 49 6.43 -2.31 2.51
C CYS A 49 7.15 -2.99 1.36
N LEU A 50 7.43 -2.22 0.31
CA LEU A 50 8.32 -2.69 -0.74
C LEU A 50 9.74 -2.82 -0.20
N ILE A 51 10.36 -3.99 -0.41
CA ILE A 51 11.71 -4.23 0.07
C ILE A 51 12.74 -3.82 -0.97
N LEU A 52 14.01 -3.86 -0.61
CA LEU A 52 15.09 -3.56 -1.53
C LEU A 52 16.33 -4.34 -1.11
N ASP A 53 16.14 -5.63 -0.79
CA ASP A 53 17.21 -6.43 -0.22
C ASP A 53 18.00 -7.23 -1.26
N GLY A 54 18.34 -6.64 -2.40
CA GLY A 54 19.12 -7.34 -3.42
C GLY A 54 18.62 -7.25 -4.86
N VAL A 62 15.69 -4.74 4.67
CA VAL A 62 15.32 -3.36 4.95
C VAL A 62 14.16 -2.93 4.05
N PRO A 63 13.11 -2.38 4.65
CA PRO A 63 11.97 -1.91 3.87
C PRO A 63 12.21 -0.50 3.34
N ALA A 64 11.31 -0.08 2.45
CA ALA A 64 11.33 1.30 1.98
C ALA A 64 10.83 2.23 3.09
N ALA A 65 11.05 3.53 2.89
CA ALA A 65 10.70 4.51 3.91
C ALA A 65 9.18 4.66 4.06
N TYR A 66 8.40 4.24 3.07
CA TYR A 66 6.96 4.38 3.10
C TYR A 66 6.29 3.02 2.89
N GLY A 67 5.17 2.81 3.57
CA GLY A 67 4.40 1.59 3.44
C GLY A 67 2.91 1.89 3.53
N THR A 68 2.12 0.83 3.39
CA THR A 68 0.66 0.95 3.36
C THR A 68 0.05 -0.03 4.36
N GLU A 69 -0.76 0.48 5.27
CA GLU A 69 -1.49 -0.37 6.19
C GLU A 69 -2.54 -1.17 5.44
N VAL A 70 -2.76 -2.42 5.85
CA VAL A 70 -3.69 -3.31 5.18
C VAL A 70 -4.88 -3.57 6.08
N ARG A 71 -6.03 -3.80 5.45
CA ARG A 71 -7.19 -4.39 6.10
C ARG A 71 -7.41 -5.77 5.52
N ILE A 72 -7.55 -6.77 6.39
CA ILE A 72 -7.71 -8.15 5.94
C ILE A 72 -9.17 -8.31 5.54
N GLU A 73 -9.42 -8.34 4.22
CA GLU A 73 -10.79 -8.40 3.75
C GLU A 73 -11.38 -9.79 3.85
N ASP A 74 -10.66 -10.81 3.39
CA ASP A 74 -11.19 -12.16 3.33
C ASP A 74 -10.12 -13.19 3.64
N PHE A 75 -10.41 -14.07 4.58
CA PHE A 75 -9.61 -15.27 4.82
C PHE A 75 -10.04 -16.37 3.86
N ASP A 76 -9.11 -17.27 3.56
CA ASP A 76 -9.46 -18.43 2.75
C ASP A 76 -8.31 -19.43 2.83
N VAL A 77 -8.59 -20.62 3.35
CA VAL A 77 -7.65 -21.72 3.39
C VAL A 77 -7.95 -22.61 2.18
N GLY A 78 -7.07 -22.58 1.19
CA GLY A 78 -7.29 -23.32 -0.03
C GLY A 78 -7.24 -24.82 0.17
N ASN A 79 -7.59 -25.53 -0.90
CA ASN A 79 -7.52 -27.00 -0.87
C ASN A 79 -6.08 -27.49 -0.77
N ASP A 80 -5.10 -26.64 -1.04
CA ASP A 80 -3.70 -26.97 -0.81
C ASP A 80 -3.24 -26.64 0.60
N GLY A 81 -4.17 -26.23 1.46
CA GLY A 81 -3.85 -25.91 2.84
C GLY A 81 -3.20 -24.56 3.07
N VAL A 82 -2.90 -23.82 2.00
CA VAL A 82 -2.24 -22.52 2.13
C VAL A 82 -3.29 -21.45 2.33
N LEU A 83 -3.04 -20.54 3.27
CA LEU A 83 -3.97 -19.47 3.60
C LEU A 83 -3.72 -18.28 2.69
N VAL A 84 -4.77 -17.84 1.99
CA VAL A 84 -4.69 -16.70 1.08
C VAL A 84 -5.41 -15.52 1.71
N LEU A 85 -4.73 -14.39 1.82
CA LEU A 85 -5.27 -13.18 2.41
C LEU A 85 -5.65 -12.18 1.33
N ARG A 86 -6.86 -11.65 1.41
CA ARG A 86 -7.28 -10.54 0.57
C ARG A 86 -6.95 -9.25 1.33
N LEU A 87 -5.92 -8.55 0.88
CA LEU A 87 -5.45 -7.34 1.53
C LEU A 87 -5.85 -6.12 0.70
N ARG A 88 -6.31 -5.07 1.38
CA ARG A 88 -6.61 -3.80 0.75
C ARG A 88 -5.86 -2.69 1.45
N GLY A 89 -5.33 -1.75 0.67
CA GLY A 89 -4.52 -0.66 1.22
C GLY A 89 -5.38 0.40 1.90
N THR A 90 -5.05 0.67 3.17
CA THR A 90 -5.76 1.68 3.95
C THR A 90 -4.82 2.87 4.14
N ARG A 91 -4.26 3.07 5.31
CA ARG A 91 -3.46 4.27 5.59
C ARG A 91 -2.01 4.09 5.18
N ARG A 92 -1.37 5.21 4.82
CA ARG A 92 0.05 5.22 4.53
C ARG A 92 0.82 5.62 5.79
N PHE A 93 2.04 5.08 5.90
CA PHE A 93 2.89 5.36 7.05
C PHE A 93 4.32 5.57 6.60
N ARG A 94 5.11 6.16 7.50
CA ARG A 94 6.55 6.34 7.30
C ARG A 94 7.30 5.51 8.32
N VAL A 95 8.31 4.78 7.87
CA VAL A 95 9.12 3.94 8.75
C VAL A 95 10.20 4.85 9.36
N GLN A 96 10.00 5.27 10.61
CA GLN A 96 11.02 6.07 11.29
C GLN A 96 12.28 5.23 11.52
N ARG A 97 12.10 3.98 11.94
CA ARG A 97 13.20 3.04 12.12
C ARG A 97 12.59 1.65 12.19
N SER A 98 13.40 0.65 11.87
CA SER A 98 12.93 -0.73 11.83
C SER A 98 13.96 -1.66 12.45
N ARG A 99 13.47 -2.71 13.11
CA ARG A 99 14.30 -3.75 13.69
C ARG A 99 13.79 -5.10 13.20
N VAL A 100 14.60 -6.14 13.42
CA VAL A 100 14.28 -7.48 12.94
C VAL A 100 14.45 -8.46 14.10
N ARG A 101 13.44 -9.29 14.32
CA ARG A 101 13.50 -10.33 15.34
C ARG A 101 14.25 -11.55 14.79
N ASP A 102 14.63 -12.46 15.71
CA ASP A 102 15.44 -13.60 15.34
C ASP A 102 14.76 -14.51 14.32
N ASN A 103 13.42 -14.58 14.36
CA ASN A 103 12.72 -15.44 13.40
C ASN A 103 12.73 -14.87 12.00
N GLY A 104 12.86 -13.56 11.85
CA GLY A 104 12.88 -12.90 10.55
C GLY A 104 11.83 -11.82 10.39
N LEU A 105 10.77 -11.83 11.19
CA LEU A 105 9.75 -10.81 11.09
C LEU A 105 10.30 -9.45 11.47
N VAL A 106 9.92 -8.43 10.70
CA VAL A 106 10.48 -7.09 10.84
C VAL A 106 9.38 -6.17 11.40
N VAL A 107 9.68 -5.53 12.53
CA VAL A 107 8.79 -4.57 13.15
C VAL A 107 9.37 -3.18 12.96
N GLY A 108 8.51 -2.21 12.70
CA GLY A 108 8.97 -0.85 12.47
C GLY A 108 8.21 0.20 13.27
N GLU A 109 8.95 1.13 13.87
CA GLU A 109 8.34 2.29 14.51
C GLU A 109 7.90 3.27 13.43
N VAL A 110 6.59 3.44 13.27
CA VAL A 110 6.05 4.18 12.14
C VAL A 110 5.25 5.37 12.65
N SER A 111 5.16 6.40 11.80
CA SER A 111 4.30 7.55 12.01
C SER A 111 3.32 7.63 10.84
N TRP A 112 2.05 7.80 11.14
CA TRP A 112 1.02 7.76 10.12
C TRP A 112 0.97 9.07 9.33
N CYS A 113 0.49 8.99 8.10
CA CYS A 113 0.35 10.14 7.23
C CYS A 113 -1.04 10.75 7.35
N GLU A 114 -1.16 12.00 6.92
CA GLU A 114 -2.47 12.62 6.86
C GLU A 114 -3.35 11.88 5.86
N PRO A 115 -4.60 11.59 6.21
CA PRO A 115 -5.45 10.83 5.29
C PRO A 115 -5.66 11.54 3.97
N ASP A 116 -6.05 10.76 2.96
CA ASP A 116 -6.32 11.29 1.64
C ASP A 116 -7.47 12.29 1.69
N SER A 117 -7.22 13.51 1.24
CA SER A 117 -8.25 14.54 1.26
C SER A 117 -9.24 14.33 0.12
N ASP A 118 -10.42 14.95 0.27
CA ASP A 118 -11.47 14.92 -0.73
C ASP A 118 -11.40 16.10 -1.69
N ASP A 119 -10.24 16.76 -1.77
CA ASP A 119 -10.11 17.97 -2.58
C ASP A 119 -10.41 17.68 -4.05
N GLU A 120 -11.34 18.43 -4.61
CA GLU A 120 -11.67 18.30 -6.02
C GLU A 120 -10.43 18.59 -6.87
N LEU A 121 -10.24 17.81 -7.92
CA LEU A 121 -9.06 17.97 -8.76
C LEU A 121 -9.05 19.35 -9.40
N ARG A 122 -7.85 19.83 -9.70
CA ARG A 122 -7.68 21.13 -10.30
C ARG A 122 -7.98 21.06 -11.80
N PRO A 123 -8.26 22.21 -12.43
CA PRO A 123 -8.66 22.19 -13.85
C PRO A 123 -7.64 21.53 -14.75
N GLU A 124 -6.35 21.61 -14.43
CA GLU A 124 -5.31 20.96 -15.22
C GLU A 124 -5.29 19.45 -15.06
N HIS A 125 -6.07 18.91 -14.11
CA HIS A 125 -6.11 17.47 -13.87
C HIS A 125 -7.47 16.86 -14.21
N GLY A 126 -8.40 17.64 -14.75
CA GLY A 126 -9.70 17.09 -15.09
C GLY A 126 -9.62 16.05 -16.20
N LEU A 127 -8.76 16.30 -17.19
CA LEU A 127 -8.55 15.30 -18.24
C LEU A 127 -7.92 14.03 -17.68
N LEU A 128 -7.14 14.15 -16.60
CA LEU A 128 -6.60 12.97 -15.94
C LEU A 128 -7.70 12.11 -15.33
N ALA A 129 -8.87 12.69 -15.05
CA ALA A 129 -10.01 11.90 -14.60
C ALA A 129 -10.74 11.25 -15.77
N THR A 130 -10.75 11.92 -16.92
CA THR A 130 -11.45 11.36 -18.08
C THR A 130 -10.70 10.16 -18.65
N VAL A 131 -9.37 10.19 -18.61
CA VAL A 131 -8.59 9.04 -19.09
C VAL A 131 -8.72 7.87 -18.14
N LEU A 132 -8.96 8.13 -16.86
CA LEU A 132 -9.17 7.05 -15.90
C LEU A 132 -10.52 6.37 -16.13
N GLU A 133 -11.58 7.16 -16.27
CA GLU A 133 -12.91 6.59 -16.48
C GLU A 133 -12.97 5.72 -17.72
N ARG A 134 -12.22 6.07 -18.77
CA ARG A 134 -12.19 5.24 -19.97
C ARG A 134 -11.65 3.85 -19.66
N MET A 135 -10.60 3.77 -18.86
CA MET A 135 -9.99 2.48 -18.53
C MET A 135 -10.95 1.63 -17.73
N LEU A 136 -11.09 0.37 -18.13
CA LEU A 136 -12.01 -0.57 -17.49
C LEU A 136 -11.67 -2.01 -17.86
N LEU A 150 -17.06 11.59 -6.30
CA LEU A 150 -16.90 10.18 -6.63
C LEU A 150 -15.59 9.95 -7.40
N LEU A 151 -15.51 10.50 -8.60
CA LEU A 151 -14.30 10.47 -9.41
C LEU A 151 -13.57 11.80 -9.40
N ASP A 152 -14.22 12.86 -8.95
CA ASP A 152 -13.63 14.19 -8.89
C ASP A 152 -12.74 14.39 -7.66
N GLN A 153 -12.35 13.31 -6.98
CA GLN A 153 -11.44 13.38 -5.86
C GLN A 153 -10.02 13.15 -6.35
N ALA A 154 -9.13 14.12 -6.08
CA ALA A 154 -7.78 14.07 -6.65
C ALA A 154 -6.99 12.89 -6.13
N ALA A 155 -7.11 12.59 -4.83
CA ALA A 155 -6.39 11.45 -4.28
C ALA A 155 -6.91 10.14 -4.82
N TRP A 156 -8.21 10.06 -5.13
CA TRP A 156 -8.78 8.81 -5.61
C TRP A 156 -8.33 8.53 -7.05
N VAL A 157 -8.49 9.51 -7.93
CA VAL A 157 -8.04 9.34 -9.31
C VAL A 157 -6.54 9.12 -9.37
N GLY A 158 -5.81 9.67 -8.40
CA GLY A 158 -4.36 9.48 -8.37
C GLY A 158 -3.98 8.05 -8.02
N TRP A 159 -4.58 7.50 -6.96
CA TRP A 159 -4.29 6.13 -6.58
C TRP A 159 -4.78 5.12 -7.61
N ARG A 160 -5.78 5.48 -8.42
CA ARG A 160 -6.33 4.52 -9.37
C ARG A 160 -5.52 4.47 -10.67
N LEU A 161 -5.17 5.64 -11.22
CA LEU A 161 -4.33 5.67 -12.41
C LEU A 161 -2.98 5.02 -12.13
N ALA A 162 -2.41 5.29 -10.95
CA ALA A 162 -1.14 4.68 -10.57
C ALA A 162 -1.23 3.16 -10.59
N GLU A 163 -2.38 2.60 -10.23
CA GLU A 163 -2.55 1.15 -10.23
C GLU A 163 -2.69 0.60 -11.64
N LEU A 164 -3.47 1.26 -12.50
CA LEU A 164 -3.77 0.72 -13.82
C LEU A 164 -2.63 0.96 -14.80
N LEU A 165 -2.01 2.13 -14.76
CA LEU A 165 -0.96 2.46 -15.72
C LEU A 165 0.31 1.65 -15.45
N PRO A 166 1.01 1.24 -16.51
CA PRO A 166 2.19 0.36 -16.36
C PRO A 166 3.41 1.11 -15.82
N LEU A 167 3.33 1.44 -14.54
CA LEU A 167 4.40 2.18 -13.87
C LEU A 167 5.39 1.22 -13.23
N SER A 168 6.64 1.65 -13.15
CA SER A 168 7.65 0.87 -12.46
C SER A 168 7.39 0.91 -10.95
N GLU A 169 7.89 -0.12 -10.25
CA GLU A 169 7.71 -0.16 -8.80
C GLU A 169 8.39 1.03 -8.13
N GLY A 170 9.46 1.54 -8.71
CA GLY A 170 10.05 2.77 -8.20
C GLY A 170 9.12 3.97 -8.34
N GLN A 171 8.50 4.10 -9.51
CA GLN A 171 7.56 5.20 -9.73
C GLN A 171 6.37 5.09 -8.79
N ARG A 172 5.87 3.88 -8.55
CA ARG A 172 4.77 3.71 -7.62
C ARG A 172 5.20 4.00 -6.19
N LEU A 173 6.46 3.74 -5.87
CA LEU A 173 6.98 4.07 -4.54
C LEU A 173 7.10 5.58 -4.35
N SER A 174 7.49 6.30 -5.41
CA SER A 174 7.59 7.74 -5.32
C SER A 174 6.22 8.38 -5.12
N LEU A 175 5.19 7.84 -5.78
CA LEU A 175 3.83 8.32 -5.54
C LEU A 175 3.40 8.07 -4.10
N LEU A 176 3.75 6.90 -3.56
CA LEU A 176 3.43 6.60 -2.17
C LEU A 176 4.09 7.60 -1.22
N GLN A 177 5.34 7.98 -1.51
CA GLN A 177 6.04 8.92 -0.66
C GLN A 177 5.43 10.31 -0.72
N GLU A 178 4.89 10.71 -1.87
CA GLU A 178 4.28 12.03 -2.01
C GLU A 178 2.98 12.09 -1.21
N ASP A 179 2.91 13.00 -0.25
CA ASP A 179 1.77 13.11 0.64
C ASP A 179 0.74 14.15 0.20
N ASP A 180 0.88 14.70 -1.02
CA ASP A 180 -0.09 15.65 -1.53
C ASP A 180 -0.76 15.09 -2.78
N PRO A 181 -2.09 15.06 -2.83
CA PRO A 181 -2.76 14.44 -3.99
C PRO A 181 -2.49 15.16 -5.31
N HIS A 182 -2.36 16.48 -5.28
CA HIS A 182 -2.20 17.22 -6.54
C HIS A 182 -0.78 17.10 -7.07
N ARG A 183 0.23 17.23 -6.19
CA ARG A 183 1.60 16.99 -6.64
C ARG A 183 1.81 15.54 -7.03
N ARG A 184 1.00 14.63 -6.46
CA ARG A 184 1.02 13.24 -6.91
C ARG A 184 0.57 13.13 -8.36
N LEU A 185 -0.53 13.81 -8.70
CA LEU A 185 -1.02 13.80 -10.08
C LEU A 185 -0.11 14.57 -11.02
N GLU A 186 0.68 15.51 -10.49
CA GLU A 186 1.57 16.28 -11.36
C GLU A 186 2.74 15.43 -11.84
N GLN A 187 3.28 14.56 -10.97
CA GLN A 187 4.34 13.66 -11.39
C GLN A 187 3.78 12.38 -12.00
N LEU A 188 2.56 11.98 -11.62
CA LEU A 188 1.88 10.91 -12.33
C LEU A 188 1.62 11.31 -13.78
N LEU A 189 1.50 12.61 -14.04
CA LEU A 189 1.33 13.10 -15.41
C LEU A 189 2.62 12.95 -16.22
N ALA A 190 3.78 13.09 -15.57
CA ALA A 190 5.04 12.93 -16.29
C ALA A 190 5.29 11.48 -16.68
N TRP A 191 4.99 10.55 -15.77
CA TRP A 191 5.22 9.13 -16.02
C TRP A 191 4.19 8.51 -16.94
N MET A 192 3.18 9.26 -17.34
CA MET A 192 2.17 8.72 -18.25
C MET A 192 2.81 8.44 -19.60
N PRO A 193 2.54 7.26 -20.21
CA PRO A 193 3.11 6.93 -21.51
C PRO A 193 2.66 7.89 -22.60
#